data_2P9B
#
_entry.id   2P9B
#
_cell.length_a   150.649
_cell.length_b   63.045
_cell.length_c   56.248
_cell.angle_alpha   90.00
_cell.angle_beta   101.97
_cell.angle_gamma   90.00
#
_symmetry.space_group_name_H-M   'C 1 2 1'
#
loop_
_entity.id
_entity.type
_entity.pdbx_description
1 polymer 'Possible prolidase'
2 water water
#
_entity_poly.entity_id   1
_entity_poly.type   'polypeptide(L)'
_entity_poly.pdbx_seq_one_letter_code
;(MSE)SL(MSE)LSHNPIVEPFALAHATIVTGDKAGTILRN(MSE)TIVVGADGRIEQVAPSIETSIPAEYHYLDGTGKI
V(MSE)PGLINAHTHLFSQGKPLNPKLATPKGQR(MSE)VATFAHSPLGKPY(MSE)AATVKHNATTLLESGVTTIRTLG
DVGYEVVTLRDQIDAGQILGPRILASGPL(MSE)AIPEGHGAPLIALTSGTPEEARTAVAQNLKAGVNAIKIAATGGVTD
AQEIGEAGSPQ(MSE)SVEQ(MSE)RAICDEAHQYGVIVGAHAQSPEGVRRSLLAGVDTIEHGSVLDDELIG(MSE)FRH
NPNALRGYSALIPTLSAGLPLTLLGQDVTGITDIQLENSKNVVGG(MSE)VSGARQAHEAGL(MSE)IGVGTDTG(MSE)
TFVPQYATWRELELLVAYAGFSPAEALHAATAVNASILGVDAETGSLEVGKSADLLVLNANPLDDLRALEHPALVIAAGH
PVWRPGPKRFADIDALLDEAYAEGHHHHHH
;
_entity_poly.pdbx_strand_id   A
#
# COMPACT_ATOMS: atom_id res chain seq x y z
N PRO A 9 -3.33 22.78 -13.87
CA PRO A 9 -2.09 22.63 -13.07
C PRO A 9 -0.93 22.12 -13.92
N ILE A 10 0.03 22.99 -14.16
CA ILE A 10 1.20 22.65 -14.96
C ILE A 10 2.40 22.34 -14.08
N VAL A 11 3.22 21.38 -14.49
CA VAL A 11 4.41 21.02 -13.73
C VAL A 11 5.54 22.00 -14.02
N GLU A 12 5.89 22.80 -13.02
CA GLU A 12 6.95 23.76 -13.17
C GLU A 12 8.26 23.09 -12.72
N PRO A 13 9.25 23.04 -13.62
CA PRO A 13 10.53 22.42 -13.28
C PRO A 13 11.19 23.06 -12.06
N PHE A 14 11.87 22.24 -11.26
CA PHE A 14 12.53 22.75 -10.07
C PHE A 14 13.71 21.87 -9.65
N ALA A 15 14.44 22.33 -8.65
CA ALA A 15 15.57 21.58 -8.13
C ALA A 15 15.56 21.68 -6.61
N LEU A 16 15.61 20.53 -5.95
CA LEU A 16 15.63 20.47 -4.50
C LEU A 16 17.09 20.22 -4.14
N ALA A 17 17.74 21.21 -3.52
CA ALA A 17 19.15 21.07 -3.20
C ALA A 17 19.53 20.95 -1.73
N HIS A 18 20.76 20.50 -1.49
CA HIS A 18 21.33 20.34 -0.16
C HIS A 18 20.60 19.36 0.75
N ALA A 19 19.93 18.39 0.16
CA ALA A 19 19.19 17.43 0.96
C ALA A 19 19.97 16.13 1.18
N THR A 20 19.61 15.43 2.24
CA THR A 20 20.22 14.14 2.54
C THR A 20 19.21 13.15 1.98
N ILE A 21 19.66 12.34 1.02
CA ILE A 21 18.77 11.36 0.41
C ILE A 21 18.79 10.00 1.09
N VAL A 22 17.62 9.53 1.50
CA VAL A 22 17.48 8.20 2.07
C VAL A 22 16.93 7.48 0.86
N THR A 23 17.78 6.68 0.22
CA THR A 23 17.42 5.97 -1.01
C THR A 23 16.30 4.96 -0.91
N GLY A 24 16.16 4.32 0.24
CA GLY A 24 15.12 3.32 0.39
C GLY A 24 15.55 2.01 -0.24
N ASP A 25 16.86 1.86 -0.49
CA ASP A 25 17.36 0.62 -1.06
C ASP A 25 17.50 -0.39 0.07
N LYS A 26 17.74 -1.65 -0.27
CA LYS A 26 17.87 -2.71 0.74
C LYS A 26 18.98 -2.45 1.76
N ALA A 27 20.04 -1.77 1.34
CA ALA A 27 21.17 -1.50 2.21
C ALA A 27 20.95 -0.37 3.22
N GLY A 28 19.98 0.50 2.98
CA GLY A 28 19.74 1.59 3.89
C GLY A 28 20.71 2.73 3.58
N THR A 29 21.10 2.81 2.32
CA THR A 29 22.04 3.82 1.85
C THR A 29 21.52 5.24 1.97
N ILE A 30 22.39 6.16 2.37
CA ILE A 30 22.05 7.57 2.48
C ILE A 30 23.10 8.37 1.73
N LEU A 31 22.66 9.42 1.05
CA LEU A 31 23.57 10.27 0.27
C LEU A 31 23.43 11.69 0.79
N ARG A 32 24.56 12.30 1.17
CA ARG A 32 24.54 13.64 1.72
C ARG A 32 24.73 14.78 0.71
N ASN A 33 24.19 15.95 1.06
CA ASN A 33 24.28 17.16 0.24
C ASN A 33 24.06 16.88 -1.24
N THR A 35 21.27 17.13 -4.77
CA THR A 35 20.29 17.95 -5.43
C THR A 35 19.48 17.03 -6.35
N ILE A 36 18.16 17.19 -6.34
CA ILE A 36 17.31 16.40 -7.20
C ILE A 36 16.65 17.40 -8.14
N VAL A 37 16.88 17.22 -9.43
CA VAL A 37 16.33 18.11 -10.43
C VAL A 37 15.14 17.46 -11.12
N VAL A 38 14.02 18.17 -11.12
CA VAL A 38 12.79 17.67 -11.74
C VAL A 38 12.41 18.47 -12.98
N GLY A 39 12.16 17.76 -14.08
CA GLY A 39 11.79 18.42 -15.33
C GLY A 39 10.33 18.82 -15.44
N ALA A 40 9.98 19.50 -16.52
CA ALA A 40 8.62 19.95 -16.76
C ALA A 40 7.67 18.77 -16.98
N ASP A 41 8.23 17.61 -17.30
CA ASP A 41 7.41 16.43 -17.53
C ASP A 41 7.13 15.69 -16.22
N GLY A 42 7.57 16.27 -15.11
CA GLY A 42 7.32 15.65 -13.81
C GLY A 42 8.22 14.49 -13.46
N ARG A 43 9.27 14.30 -14.25
CA ARG A 43 10.23 13.23 -14.04
C ARG A 43 11.56 13.74 -13.53
N ILE A 44 12.28 12.89 -12.81
CA ILE A 44 13.58 13.23 -12.26
C ILE A 44 14.59 13.30 -13.39
N GLU A 45 15.28 14.43 -13.51
CA GLU A 45 16.28 14.60 -14.57
C GLU A 45 17.71 14.43 -14.05
N GLN A 46 17.93 14.78 -12.78
CA GLN A 46 19.25 14.65 -12.20
C GLN A 46 19.19 14.34 -10.72
N VAL A 47 20.16 13.57 -10.24
CA VAL A 47 20.31 13.24 -8.83
C VAL A 47 21.82 13.23 -8.62
N ALA A 48 22.35 14.31 -8.08
CA ALA A 48 23.80 14.40 -7.89
C ALA A 48 24.20 15.36 -6.78
N PRO A 49 25.47 15.29 -6.35
CA PRO A 49 25.97 16.18 -5.28
C PRO A 49 25.63 17.62 -5.66
N SER A 50 25.11 18.36 -4.69
CA SER A 50 24.72 19.74 -4.90
C SER A 50 25.87 20.63 -5.39
N ILE A 51 27.05 20.41 -4.83
CA ILE A 51 28.21 21.21 -5.19
C ILE A 51 28.54 21.22 -6.68
N GLU A 52 28.21 20.13 -7.37
CA GLU A 52 28.52 20.05 -8.80
C GLU A 52 27.30 20.19 -9.70
N THR A 53 26.14 20.42 -9.10
CA THR A 53 24.92 20.53 -9.87
C THR A 53 24.40 21.94 -10.00
N SER A 54 24.43 22.46 -11.23
CA SER A 54 23.94 23.81 -11.49
C SER A 54 22.45 23.74 -11.77
N ILE A 55 21.70 24.71 -11.26
CA ILE A 55 20.26 24.75 -11.47
C ILE A 55 19.94 25.39 -12.82
N PRO A 56 19.30 24.64 -13.73
CA PRO A 56 18.97 25.19 -15.05
C PRO A 56 18.16 26.49 -14.92
N ALA A 57 18.27 27.34 -15.94
CA ALA A 57 17.55 28.60 -15.93
C ALA A 57 16.04 28.36 -15.91
N GLU A 58 15.32 29.26 -15.24
CA GLU A 58 13.87 29.18 -15.14
C GLU A 58 13.37 28.15 -14.12
N TYR A 59 14.25 27.25 -13.69
CA TYR A 59 13.88 26.23 -12.72
C TYR A 59 13.71 26.81 -11.32
N HIS A 60 12.65 26.41 -10.64
CA HIS A 60 12.40 26.90 -9.29
C HIS A 60 13.41 26.24 -8.35
N TYR A 61 13.69 26.90 -7.23
CA TYR A 61 14.65 26.40 -6.27
C TYR A 61 14.06 26.09 -4.90
N LEU A 62 14.25 24.85 -4.44
CA LEU A 62 13.77 24.43 -3.14
C LEU A 62 15.01 24.12 -2.29
N ASP A 63 15.15 24.82 -1.18
CA ASP A 63 16.30 24.64 -0.31
C ASP A 63 16.05 23.52 0.70
N GLY A 64 16.69 22.38 0.47
CA GLY A 64 16.51 21.23 1.35
C GLY A 64 17.52 21.09 2.48
N THR A 65 18.27 22.15 2.75
CA THR A 65 19.26 22.11 3.81
C THR A 65 18.61 21.62 5.11
N GLY A 66 19.24 20.63 5.76
CA GLY A 66 18.72 20.09 7.00
C GLY A 66 17.55 19.15 6.84
N LYS A 67 17.15 18.89 5.60
CA LYS A 67 16.02 18.01 5.33
C LYS A 67 16.46 16.66 4.76
N ILE A 68 15.57 15.68 4.85
CA ILE A 68 15.82 14.35 4.31
C ILE A 68 14.80 14.18 3.18
N VAL A 69 15.22 13.60 2.06
CA VAL A 69 14.28 13.35 0.97
C VAL A 69 14.40 11.88 0.63
N PRO A 71 11.97 8.39 -1.46
CA PRO A 71 10.89 8.15 -2.42
C PRO A 71 9.57 8.26 -1.68
N GLY A 72 8.50 8.62 -2.38
CA GLY A 72 7.22 8.72 -1.71
C GLY A 72 6.81 7.37 -1.17
N LEU A 73 6.06 7.36 -0.06
CA LEU A 73 5.61 6.08 0.48
C LEU A 73 4.54 5.52 -0.42
N ILE A 74 4.36 4.20 -0.37
CA ILE A 74 3.35 3.52 -1.17
C ILE A 74 2.55 2.65 -0.23
N ASN A 75 1.22 2.67 -0.36
CA ASN A 75 0.37 1.85 0.49
C ASN A 75 -0.36 0.88 -0.43
N ALA A 76 -0.04 -0.41 -0.33
CA ALA A 76 -0.64 -1.41 -1.20
C ALA A 76 -2.02 -1.92 -0.82
N HIS A 77 -2.59 -1.38 0.25
CA HIS A 77 -3.91 -1.85 0.67
C HIS A 77 -4.70 -0.73 1.32
N THR A 78 -5.54 -0.07 0.53
CA THR A 78 -6.36 1.03 1.03
C THR A 78 -7.82 0.95 0.59
N HIS A 79 -8.64 1.81 1.19
CA HIS A 79 -10.05 1.95 0.88
C HIS A 79 -10.25 3.46 0.96
N LEU A 80 -11.02 4.04 0.03
CA LEU A 80 -11.23 5.48 0.07
C LEU A 80 -12.59 5.88 0.63
N PHE A 81 -13.17 4.98 1.42
CA PHE A 81 -14.46 5.22 2.07
C PHE A 81 -14.38 4.50 3.42
N SER A 82 -15.14 4.98 4.40
CA SER A 82 -15.12 4.36 5.73
C SER A 82 -16.02 3.13 5.79
N TYR A 112 -21.56 13.12 -3.40
CA TYR A 112 -21.05 12.96 -2.05
C TYR A 112 -19.92 11.94 -2.00
N ALA A 114 -18.04 11.00 -4.47
CA ALA A 114 -16.90 11.53 -5.22
C ALA A 114 -16.05 12.40 -4.32
N ALA A 115 -16.69 13.27 -3.53
CA ALA A 115 -15.96 14.15 -2.64
C ALA A 115 -15.28 13.34 -1.54
N THR A 116 -15.94 12.30 -1.08
CA THR A 116 -15.39 11.46 -0.02
C THR A 116 -14.13 10.73 -0.46
N VAL A 117 -14.17 10.09 -1.63
CA VAL A 117 -12.99 9.37 -2.09
C VAL A 117 -11.84 10.30 -2.43
N LYS A 118 -12.16 11.49 -2.94
CA LYS A 118 -11.10 12.43 -3.27
C LYS A 118 -10.46 12.93 -1.97
N HIS A 119 -11.29 13.17 -0.95
CA HIS A 119 -10.78 13.65 0.33
C HIS A 119 -9.80 12.65 0.94
N ASN A 120 -10.20 11.37 0.96
CA ASN A 120 -9.35 10.35 1.54
C ASN A 120 -8.07 10.13 0.74
N ALA A 121 -8.16 10.21 -0.58
CA ALA A 121 -6.98 10.05 -1.42
C ALA A 121 -6.04 11.22 -1.13
N THR A 122 -6.61 12.39 -0.90
CA THR A 122 -5.81 13.57 -0.61
C THR A 122 -5.12 13.44 0.75
N THR A 123 -5.81 12.85 1.72
CA THR A 123 -5.24 12.65 3.04
C THR A 123 -4.02 11.73 2.93
N LEU A 124 -4.17 10.64 2.18
CA LEU A 124 -3.07 9.71 1.97
C LEU A 124 -1.89 10.46 1.35
N LEU A 125 -2.16 11.23 0.30
CA LEU A 125 -1.09 11.98 -0.34
C LEU A 125 -0.41 12.96 0.63
N GLU A 126 -1.21 13.72 1.38
CA GLU A 126 -0.66 14.67 2.34
C GLU A 126 0.19 14.01 3.41
N SER A 127 -0.06 12.72 3.66
CA SER A 127 0.69 11.98 4.66
C SER A 127 2.01 11.48 4.05
N GLY A 128 2.18 11.73 2.75
CA GLY A 128 3.40 11.31 2.08
C GLY A 128 3.33 10.07 1.19
N VAL A 129 2.13 9.56 0.97
CA VAL A 129 1.91 8.36 0.15
C VAL A 129 1.59 8.79 -1.30
N THR A 130 2.51 8.51 -2.22
CA THR A 130 2.35 8.91 -3.61
C THR A 130 1.75 7.88 -4.56
N THR A 131 1.61 6.63 -4.08
CA THR A 131 1.00 5.59 -4.88
C THR A 131 0.20 4.74 -3.91
N ILE A 132 -1.01 4.37 -4.30
CA ILE A 132 -1.87 3.53 -3.48
C ILE A 132 -2.60 2.54 -4.34
N ARG A 133 -3.03 1.45 -3.73
CA ARG A 133 -3.84 0.45 -4.42
C ARG A 133 -5.06 0.30 -3.54
N THR A 134 -6.25 0.46 -4.10
CA THR A 134 -7.44 0.24 -3.29
C THR A 134 -7.79 -1.23 -3.47
N LEU A 135 -8.36 -1.85 -2.45
CA LEU A 135 -8.75 -3.25 -2.52
C LEU A 135 -10.17 -3.42 -2.01
N GLY A 136 -11.10 -2.80 -2.72
CA GLY A 136 -12.50 -2.89 -2.34
C GLY A 136 -13.14 -1.52 -2.33
N ASP A 137 -13.65 -1.12 -3.50
CA ASP A 137 -14.32 0.17 -3.64
C ASP A 137 -15.82 -0.09 -3.56
N VAL A 138 -16.62 0.96 -3.52
CA VAL A 138 -18.07 0.78 -3.47
C VAL A 138 -18.55 0.46 -4.89
N GLY A 139 -18.15 1.30 -5.83
CA GLY A 139 -18.52 1.11 -7.23
C GLY A 139 -17.31 1.43 -8.07
N TYR A 140 -17.47 2.31 -9.05
CA TYR A 140 -16.35 2.67 -9.90
C TYR A 140 -15.92 4.12 -9.74
N GLU A 141 -16.19 4.66 -8.55
CA GLU A 141 -15.84 6.03 -8.21
C GLU A 141 -14.32 6.25 -8.11
N VAL A 142 -13.58 5.21 -7.76
CA VAL A 142 -12.13 5.36 -7.66
C VAL A 142 -11.54 5.32 -9.07
N VAL A 143 -12.15 4.55 -9.95
CA VAL A 143 -11.67 4.50 -11.33
C VAL A 143 -11.80 5.92 -11.88
N THR A 144 -12.94 6.55 -11.61
CA THR A 144 -13.18 7.89 -12.07
C THR A 144 -12.12 8.86 -11.54
N LEU A 145 -11.87 8.79 -10.23
CA LEU A 145 -10.88 9.66 -9.59
C LEU A 145 -9.48 9.42 -10.18
N ARG A 146 -9.11 8.15 -10.33
CA ARG A 146 -7.82 7.80 -10.90
C ARG A 146 -7.65 8.42 -12.29
N ASP A 147 -8.70 8.32 -13.11
CA ASP A 147 -8.64 8.88 -14.45
C ASP A 147 -8.47 10.40 -14.45
N GLN A 148 -9.09 11.08 -13.50
CA GLN A 148 -8.98 12.53 -13.44
C GLN A 148 -7.56 12.92 -13.03
N ILE A 149 -7.00 12.17 -12.08
CA ILE A 149 -5.64 12.44 -11.62
C ILE A 149 -4.65 12.16 -12.76
N ASP A 150 -4.84 11.04 -13.45
CA ASP A 150 -3.96 10.68 -14.57
C ASP A 150 -4.03 11.71 -15.69
N ALA A 151 -5.19 12.33 -15.86
CA ALA A 151 -5.37 13.34 -16.90
C ALA A 151 -4.84 14.69 -16.44
N GLY A 152 -4.47 14.78 -15.17
CA GLY A 152 -3.94 16.03 -14.64
C GLY A 152 -5.00 17.02 -14.21
N GLN A 153 -6.23 16.56 -14.10
CA GLN A 153 -7.35 17.42 -13.70
C GLN A 153 -7.44 17.61 -12.19
N ILE A 154 -6.96 16.62 -11.44
CA ILE A 154 -7.01 16.68 -9.98
C ILE A 154 -5.66 16.28 -9.40
N LEU A 155 -5.26 16.95 -8.32
CA LEU A 155 -4.01 16.63 -7.65
C LEU A 155 -4.28 15.42 -6.78
N GLY A 156 -3.45 14.39 -6.91
CA GLY A 156 -3.66 13.21 -6.10
C GLY A 156 -2.59 12.17 -6.33
N PRO A 157 -2.64 11.08 -5.55
CA PRO A 157 -1.65 10.00 -5.69
C PRO A 157 -1.92 9.13 -6.91
N ARG A 158 -0.93 8.34 -7.29
CA ARG A 158 -1.07 7.41 -8.40
C ARG A 158 -1.95 6.32 -7.80
N ILE A 159 -3.04 5.97 -8.49
CA ILE A 159 -3.97 4.99 -7.96
C ILE A 159 -4.22 3.72 -8.78
N LEU A 160 -4.15 2.58 -8.10
CA LEU A 160 -4.49 1.31 -8.73
C LEU A 160 -5.86 1.05 -8.10
N ALA A 161 -6.91 1.19 -8.90
CA ALA A 161 -8.28 1.01 -8.42
C ALA A 161 -8.79 -0.40 -8.69
N SER A 162 -9.35 -1.01 -7.65
CA SER A 162 -9.86 -2.37 -7.75
C SER A 162 -11.34 -2.49 -8.10
N GLY A 163 -12.09 -1.41 -7.94
CA GLY A 163 -13.52 -1.52 -8.16
C GLY A 163 -14.03 -2.34 -6.99
N PRO A 164 -15.28 -2.83 -7.01
CA PRO A 164 -15.73 -3.61 -5.85
C PRO A 164 -14.99 -4.94 -5.70
N LEU A 165 -14.79 -5.37 -4.47
CA LEU A 165 -14.09 -6.64 -4.29
C LEU A 165 -15.06 -7.77 -4.60
N ALA A 167 -16.50 -11.56 -3.68
CA ALA A 167 -16.56 -12.49 -2.57
C ALA A 167 -17.93 -13.13 -2.42
N ILE A 168 -17.98 -14.15 -1.59
CA ILE A 168 -19.24 -14.82 -1.30
C ILE A 168 -19.87 -13.91 -0.25
N PRO A 169 -21.10 -13.44 -0.50
CA PRO A 169 -21.75 -12.56 0.46
C PRO A 169 -21.87 -13.15 1.86
N GLU A 170 -21.71 -12.31 2.88
CA GLU A 170 -21.78 -12.76 4.26
C GLU A 170 -22.88 -12.05 5.05
N GLY A 171 -23.61 -11.16 4.38
CA GLY A 171 -24.70 -10.45 5.02
C GLY A 171 -24.33 -9.30 5.96
N HIS A 172 -23.21 -8.64 5.70
CA HIS A 172 -22.78 -7.52 6.53
C HIS A 172 -23.04 -6.17 5.87
N GLY A 173 -23.74 -6.19 4.75
CA GLY A 173 -24.04 -4.95 4.05
C GLY A 173 -22.82 -4.31 3.40
N ALA A 174 -21.76 -5.10 3.23
CA ALA A 174 -20.54 -4.57 2.62
C ALA A 174 -20.68 -4.52 1.11
N PRO A 175 -20.02 -3.55 0.47
CA PRO A 175 -20.09 -3.44 -1.00
C PRO A 175 -19.20 -4.50 -1.63
N LEU A 176 -19.71 -5.18 -2.66
CA LEU A 176 -18.95 -6.20 -3.33
C LEU A 176 -19.70 -6.82 -4.49
N ILE A 177 -18.99 -7.57 -5.32
CA ILE A 177 -19.62 -8.27 -6.44
C ILE A 177 -19.80 -9.65 -5.82
N ALA A 178 -21.05 -10.01 -5.59
CA ALA A 178 -21.37 -11.28 -4.96
C ALA A 178 -21.28 -12.50 -5.85
N LEU A 179 -20.50 -13.49 -5.42
CA LEU A 179 -20.34 -14.74 -6.13
C LEU A 179 -21.17 -15.72 -5.30
N THR A 180 -22.31 -16.14 -5.84
CA THR A 180 -23.20 -17.03 -5.11
C THR A 180 -23.38 -18.42 -5.70
N SER A 181 -22.95 -18.62 -6.94
CA SER A 181 -23.11 -19.93 -7.59
C SER A 181 -21.95 -20.86 -7.32
N GLY A 182 -20.78 -20.30 -7.02
CA GLY A 182 -19.61 -21.11 -6.74
C GLY A 182 -18.91 -21.65 -7.98
N THR A 183 -19.42 -21.30 -9.15
CA THR A 183 -18.85 -21.77 -10.40
C THR A 183 -17.74 -20.86 -10.93
N PRO A 184 -16.80 -21.42 -11.69
CA PRO A 184 -15.71 -20.62 -12.26
C PRO A 184 -16.26 -19.64 -13.28
N GLU A 185 -17.32 -20.04 -13.98
CA GLU A 185 -17.94 -19.18 -14.99
C GLU A 185 -18.51 -17.90 -14.41
N GLU A 186 -19.14 -18.01 -13.23
CA GLU A 186 -19.70 -16.83 -12.60
C GLU A 186 -18.56 -15.88 -12.21
N ALA A 187 -17.49 -16.45 -11.65
CA ALA A 187 -16.35 -15.66 -11.23
C ALA A 187 -15.67 -14.95 -12.40
N ARG A 188 -15.53 -15.65 -13.52
CA ARG A 188 -14.88 -15.06 -14.69
C ARG A 188 -15.73 -13.92 -15.25
N THR A 189 -17.05 -14.10 -15.23
CA THR A 189 -17.94 -13.06 -15.71
C THR A 189 -17.87 -11.83 -14.82
N ALA A 190 -17.77 -12.06 -13.52
CA ALA A 190 -17.70 -10.97 -12.57
C ALA A 190 -16.43 -10.14 -12.75
N VAL A 191 -15.28 -10.80 -12.90
CA VAL A 191 -14.03 -10.08 -13.07
C VAL A 191 -14.06 -9.31 -14.40
N ALA A 192 -14.71 -9.88 -15.41
CA ALA A 192 -14.79 -9.21 -16.70
C ALA A 192 -15.55 -7.89 -16.57
N GLN A 193 -16.57 -7.89 -15.70
CA GLN A 193 -17.35 -6.69 -15.46
C GLN A 193 -16.46 -5.60 -14.88
N ASN A 194 -15.59 -5.98 -13.95
CA ASN A 194 -14.68 -5.02 -13.35
C ASN A 194 -13.68 -4.50 -14.37
N LEU A 195 -13.12 -5.41 -15.16
CA LEU A 195 -12.14 -5.03 -16.17
C LEU A 195 -12.78 -4.08 -17.19
N LYS A 196 -13.98 -4.43 -17.66
CA LYS A 196 -14.70 -3.61 -18.62
C LYS A 196 -14.93 -2.20 -18.05
N ALA A 197 -15.13 -2.13 -16.73
CA ALA A 197 -15.38 -0.87 -16.05
C ALA A 197 -14.11 -0.03 -15.89
N GLY A 198 -12.95 -0.62 -16.19
CA GLY A 198 -11.70 0.12 -16.11
C GLY A 198 -10.78 -0.07 -14.92
N VAL A 199 -11.03 -1.06 -14.07
CA VAL A 199 -10.15 -1.24 -12.92
C VAL A 199 -8.74 -1.64 -13.36
N ASN A 200 -7.75 -1.36 -12.51
CA ASN A 200 -6.38 -1.77 -12.80
C ASN A 200 -5.80 -2.48 -11.59
N ALA A 201 -6.70 -3.18 -10.89
CA ALA A 201 -6.39 -4.01 -9.73
C ALA A 201 -7.65 -4.83 -9.43
N ILE A 202 -7.46 -6.01 -8.83
CA ILE A 202 -8.59 -6.87 -8.47
C ILE A 202 -8.40 -7.34 -7.04
N LYS A 203 -9.49 -7.39 -6.28
CA LYS A 203 -9.46 -7.86 -4.90
C LYS A 203 -10.47 -8.99 -4.71
N ILE A 204 -9.99 -10.11 -4.17
CA ILE A 204 -10.85 -11.27 -3.90
C ILE A 204 -10.80 -11.54 -2.40
N ALA A 205 -11.94 -11.92 -1.83
CA ALA A 205 -11.99 -12.28 -0.41
C ALA A 205 -11.94 -13.81 -0.42
N ALA A 206 -10.78 -14.38 -0.16
CA ALA A 206 -10.62 -15.83 -0.15
C ALA A 206 -11.19 -16.43 1.13
N THR A 207 -11.18 -15.64 2.19
CA THR A 207 -11.65 -16.08 3.49
C THR A 207 -12.44 -14.96 4.17
N GLY A 208 -12.86 -15.22 5.41
CA GLY A 208 -13.57 -14.21 6.17
C GLY A 208 -12.54 -13.26 6.73
N GLY A 209 -12.96 -12.31 7.57
CA GLY A 209 -12.03 -11.34 8.12
C GLY A 209 -11.28 -11.74 9.38
N VAL A 210 -10.55 -10.78 9.94
CA VAL A 210 -9.75 -11.00 11.15
C VAL A 210 -10.57 -11.49 12.35
N THR A 211 -11.82 -11.05 12.45
CA THR A 211 -12.69 -11.46 13.55
C THR A 211 -13.43 -12.76 13.28
N ASP A 212 -13.11 -13.40 12.16
CA ASP A 212 -13.75 -14.66 11.79
C ASP A 212 -12.84 -15.84 12.06
N ALA A 213 -13.43 -17.03 12.12
CA ALA A 213 -12.67 -18.25 12.37
C ALA A 213 -11.79 -18.56 11.17
N GLN A 214 -10.72 -19.31 11.41
CA GLN A 214 -9.83 -19.73 10.35
C GLN A 214 -10.43 -21.04 9.88
N GLU A 215 -11.03 -21.01 8.70
CA GLU A 215 -11.70 -22.17 8.14
C GLU A 215 -10.83 -23.20 7.43
N ILE A 216 -11.38 -24.41 7.33
CA ILE A 216 -10.73 -25.52 6.65
C ILE A 216 -11.80 -26.25 5.85
N GLN A 223 -16.82 -21.68 0.97
CA GLN A 223 -15.67 -20.80 0.88
C GLN A 223 -15.16 -20.70 -0.56
N SER A 225 -13.27 -21.19 -3.75
CA SER A 225 -12.54 -22.35 -4.24
C SER A 225 -11.35 -21.95 -5.12
N VAL A 226 -10.43 -22.88 -5.31
CA VAL A 226 -9.28 -22.63 -6.17
C VAL A 226 -9.79 -22.41 -7.58
N GLU A 227 -10.81 -23.18 -7.97
CA GLU A 227 -11.38 -23.08 -9.31
C GLU A 227 -11.95 -21.70 -9.58
N GLN A 228 -12.61 -21.12 -8.58
CA GLN A 228 -13.19 -19.79 -8.72
C GLN A 228 -12.09 -18.74 -8.89
N ARG A 230 -8.98 -19.24 -9.76
CA ARG A 230 -8.12 -19.49 -10.91
C ARG A 230 -8.74 -18.81 -12.12
N ALA A 231 -10.07 -18.82 -12.19
CA ALA A 231 -10.77 -18.19 -13.30
C ALA A 231 -10.60 -16.68 -13.23
N ILE A 232 -10.66 -16.15 -12.00
CA ILE A 232 -10.51 -14.70 -11.79
C ILE A 232 -9.09 -14.28 -12.17
N CYS A 233 -8.09 -15.03 -11.70
CA CYS A 233 -6.71 -14.70 -12.00
C CYS A 233 -6.37 -14.82 -13.48
N ASP A 234 -6.86 -15.87 -14.12
CA ASP A 234 -6.60 -16.07 -15.54
C ASP A 234 -7.10 -14.87 -16.34
N GLU A 235 -8.34 -14.47 -16.08
CA GLU A 235 -8.95 -13.36 -16.77
C GLU A 235 -8.25 -12.03 -16.50
N ALA A 236 -7.96 -11.75 -15.24
CA ALA A 236 -7.29 -10.50 -14.90
C ALA A 236 -5.91 -10.41 -15.53
N HIS A 237 -5.16 -11.51 -15.47
CA HIS A 237 -3.81 -11.55 -16.02
C HIS A 237 -3.75 -11.35 -17.53
N GLN A 238 -4.84 -11.73 -18.21
CA GLN A 238 -4.91 -11.56 -19.66
C GLN A 238 -4.78 -10.07 -19.97
N TYR A 239 -5.21 -9.25 -19.02
CA TYR A 239 -5.17 -7.79 -19.18
C TYR A 239 -4.05 -7.16 -18.38
N GLY A 240 -3.14 -7.99 -17.87
CA GLY A 240 -2.01 -7.49 -17.11
C GLY A 240 -2.39 -6.85 -15.79
N VAL A 241 -3.52 -7.26 -15.22
CA VAL A 241 -3.97 -6.70 -13.97
C VAL A 241 -3.61 -7.60 -12.79
N ILE A 242 -3.01 -7.02 -11.74
CA ILE A 242 -2.63 -7.82 -10.57
C ILE A 242 -3.81 -8.10 -9.65
N VAL A 243 -3.83 -9.30 -9.10
CA VAL A 243 -4.89 -9.75 -8.21
C VAL A 243 -4.41 -9.94 -6.77
N GLY A 244 -5.21 -9.44 -5.84
CA GLY A 244 -4.89 -9.57 -4.44
C GLY A 244 -6.00 -10.37 -3.79
N ALA A 245 -5.66 -11.19 -2.80
CA ALA A 245 -6.65 -11.99 -2.12
C ALA A 245 -6.45 -11.82 -0.64
N HIS A 246 -7.54 -11.53 0.06
CA HIS A 246 -7.49 -11.38 1.49
C HIS A 246 -7.70 -12.79 2.05
N ALA A 247 -6.74 -13.26 2.84
CA ALA A 247 -6.81 -14.60 3.41
C ALA A 247 -6.14 -14.58 4.78
N GLN A 248 -6.84 -15.10 5.78
CA GLN A 248 -6.29 -15.15 7.14
C GLN A 248 -6.17 -16.56 7.71
N SER A 249 -5.97 -17.52 6.81
CA SER A 249 -5.83 -18.92 7.21
C SER A 249 -4.94 -19.62 6.20
N PRO A 250 -4.18 -20.64 6.64
CA PRO A 250 -3.30 -21.35 5.72
C PRO A 250 -4.05 -21.95 4.53
N GLU A 251 -5.25 -22.46 4.75
CA GLU A 251 -6.02 -23.03 3.65
C GLU A 251 -6.36 -21.95 2.64
N GLY A 252 -6.75 -20.77 3.13
CA GLY A 252 -7.10 -19.68 2.24
C GLY A 252 -5.89 -19.20 1.46
N VAL A 253 -4.76 -19.11 2.15
CA VAL A 253 -3.53 -18.68 1.50
C VAL A 253 -3.13 -19.70 0.45
N ARG A 254 -3.20 -20.98 0.81
CA ARG A 254 -2.84 -22.06 -0.11
C ARG A 254 -3.66 -22.02 -1.38
N ARG A 255 -4.98 -21.93 -1.24
CA ARG A 255 -5.87 -21.89 -2.40
C ARG A 255 -5.60 -20.67 -3.28
N SER A 256 -5.37 -19.53 -2.63
CA SER A 256 -5.12 -18.29 -3.37
C SER A 256 -3.84 -18.42 -4.20
N LEU A 257 -2.79 -18.94 -3.58
CA LEU A 257 -1.52 -19.11 -4.25
C LEU A 257 -1.64 -20.11 -5.41
N LEU A 258 -2.37 -21.19 -5.19
CA LEU A 258 -2.55 -22.20 -6.23
C LEU A 258 -3.28 -21.58 -7.43
N ALA A 259 -4.25 -20.72 -7.16
CA ALA A 259 -5.02 -20.06 -8.21
C ALA A 259 -4.18 -19.07 -9.01
N GLY A 260 -3.11 -18.56 -8.41
CA GLY A 260 -2.26 -17.62 -9.11
C GLY A 260 -2.39 -16.17 -8.65
N VAL A 261 -2.90 -15.98 -7.44
CA VAL A 261 -3.06 -14.65 -6.86
C VAL A 261 -1.69 -14.00 -6.70
N ASP A 262 -1.59 -12.74 -7.11
CA ASP A 262 -0.33 -12.00 -7.03
C ASP A 262 0.07 -11.50 -5.65
N THR A 263 -0.91 -11.12 -4.83
CA THR A 263 -0.61 -10.65 -3.49
C THR A 263 -1.56 -11.25 -2.46
N ILE A 264 -1.01 -11.63 -1.32
CA ILE A 264 -1.81 -12.18 -0.24
C ILE A 264 -1.89 -11.08 0.82
N GLU A 265 -3.11 -10.71 1.20
CA GLU A 265 -3.30 -9.68 2.22
C GLU A 265 -3.62 -10.36 3.55
N HIS A 266 -2.96 -9.86 4.60
CA HIS A 266 -3.09 -10.37 5.96
C HIS A 266 -2.21 -11.62 6.08
N GLY A 267 -2.69 -12.73 5.55
CA GLY A 267 -1.90 -13.95 5.59
C GLY A 267 -2.09 -14.80 6.83
N SER A 268 -1.24 -15.81 6.95
CA SER A 268 -1.33 -16.74 8.08
C SER A 268 0.05 -17.33 8.34
N VAL A 269 0.12 -18.24 9.30
CA VAL A 269 1.39 -18.91 9.58
C VAL A 269 1.71 -19.72 8.33
N LEU A 270 2.99 -19.84 8.01
CA LEU A 270 3.42 -20.56 6.82
C LEU A 270 4.20 -21.83 7.11
N ASP A 271 4.41 -22.61 6.05
CA ASP A 271 5.19 -23.83 6.09
C ASP A 271 6.02 -23.80 4.81
N ASP A 272 6.91 -24.77 4.62
CA ASP A 272 7.77 -24.79 3.44
C ASP A 272 7.03 -24.87 2.10
N GLU A 273 5.89 -25.54 2.09
CA GLU A 273 5.12 -25.67 0.86
C GLU A 273 4.63 -24.30 0.42
N LEU A 274 4.05 -23.56 1.35
CA LEU A 274 3.52 -22.23 1.03
C LEU A 274 4.62 -21.25 0.66
N ILE A 275 5.74 -21.30 1.38
CA ILE A 275 6.85 -20.40 1.08
C ILE A 275 7.30 -20.63 -0.37
N GLY A 276 7.36 -21.89 -0.77
CA GLY A 276 7.76 -22.20 -2.13
C GLY A 276 6.77 -21.66 -3.15
N PHE A 278 5.03 -18.95 -2.85
CA PHE A 278 5.21 -17.51 -2.93
C PHE A 278 6.39 -17.22 -3.87
N ARG A 279 7.50 -17.89 -3.61
CA ARG A 279 8.73 -17.74 -4.40
C ARG A 279 8.57 -17.98 -5.89
N HIS A 280 7.92 -19.08 -6.24
CA HIS A 280 7.70 -19.42 -7.63
C HIS A 280 6.25 -19.84 -7.83
N ASN A 281 5.49 -18.94 -8.44
CA ASN A 281 4.07 -19.19 -8.70
C ASN A 281 3.88 -19.08 -10.21
N PRO A 282 3.87 -20.23 -10.91
CA PRO A 282 3.70 -20.26 -12.37
C PRO A 282 2.39 -19.65 -12.87
N ASN A 283 1.42 -19.49 -11.98
CA ASN A 283 0.13 -18.94 -12.37
C ASN A 283 -0.04 -17.46 -12.03
N ALA A 284 0.95 -16.87 -11.36
CA ALA A 284 0.91 -15.46 -11.03
C ALA A 284 1.37 -14.67 -12.24
N LEU A 285 0.92 -13.42 -12.34
CA LEU A 285 1.28 -12.57 -13.46
C LEU A 285 2.79 -12.51 -13.74
N ARG A 286 3.60 -12.37 -12.69
CA ARG A 286 5.04 -12.28 -12.86
C ARG A 286 5.83 -13.47 -12.33
N GLY A 287 5.15 -14.58 -12.12
CA GLY A 287 5.82 -15.79 -11.64
C GLY A 287 6.09 -15.88 -10.16
N TYR A 288 5.59 -14.93 -9.39
CA TYR A 288 5.80 -14.95 -7.94
C TYR A 288 4.64 -14.24 -7.25
N SER A 289 4.47 -14.52 -5.96
CA SER A 289 3.40 -13.88 -5.19
C SER A 289 4.07 -13.12 -4.06
N ALA A 290 3.42 -12.06 -3.59
CA ALA A 290 3.98 -11.27 -2.51
C ALA A 290 3.02 -11.26 -1.33
N LEU A 291 3.55 -10.94 -0.16
CA LEU A 291 2.74 -10.88 1.06
C LEU A 291 2.59 -9.44 1.55
N ILE A 292 1.37 -9.04 1.90
CA ILE A 292 1.10 -7.70 2.43
C ILE A 292 0.46 -7.97 3.80
N PRO A 293 1.28 -8.13 4.85
CA PRO A 293 0.79 -8.41 6.20
C PRO A 293 -0.33 -7.53 6.75
N THR A 294 -0.31 -6.24 6.43
CA THR A 294 -1.32 -5.30 6.93
C THR A 294 -1.49 -5.45 8.44
N LEU A 295 -0.38 -5.45 9.15
CA LEU A 295 -0.41 -5.59 10.60
C LEU A 295 -1.24 -4.49 11.26
N SER A 296 -1.23 -3.30 10.66
CA SER A 296 -2.01 -2.19 11.18
C SER A 296 -3.49 -2.49 11.30
N ALA A 297 -4.00 -3.40 10.48
CA ALA A 297 -5.41 -3.73 10.51
C ALA A 297 -5.80 -4.76 11.57
N GLY A 298 -4.88 -5.67 11.91
CA GLY A 298 -5.21 -6.68 12.87
C GLY A 298 -4.88 -6.39 14.32
N LEU A 299 -3.72 -5.80 14.56
CA LEU A 299 -3.28 -5.51 15.92
C LEU A 299 -4.21 -4.68 16.81
N PRO A 300 -4.88 -3.66 16.24
CA PRO A 300 -5.78 -2.86 17.09
C PRO A 300 -6.83 -3.70 17.80
N LEU A 301 -7.35 -4.70 17.09
CA LEU A 301 -8.38 -5.57 17.66
C LEU A 301 -7.91 -6.41 18.83
N THR A 302 -6.60 -6.65 18.91
CA THR A 302 -6.06 -7.46 19.99
C THR A 302 -5.37 -6.65 21.09
N LEU A 303 -5.00 -5.41 20.78
CA LEU A 303 -4.32 -4.56 21.75
C LEU A 303 -5.25 -3.61 22.48
N LEU A 304 -6.38 -3.27 21.86
CA LEU A 304 -7.34 -2.37 22.47
C LEU A 304 -8.42 -3.17 23.20
N GLY A 305 -8.97 -2.62 24.28
CA GLY A 305 -10.00 -3.32 25.01
C GLY A 305 -11.29 -3.39 24.24
N GLN A 306 -12.13 -4.39 24.55
CA GLN A 306 -13.39 -4.56 23.86
C GLN A 306 -14.33 -3.38 24.10
N ASP A 307 -14.08 -2.64 25.18
CA ASP A 307 -14.90 -1.48 25.51
C ASP A 307 -14.64 -0.40 24.46
N VAL A 308 -13.47 -0.48 23.84
CA VAL A 308 -13.08 0.48 22.82
C VAL A 308 -13.45 -0.01 21.42
N THR A 309 -13.11 -1.27 21.14
CA THR A 309 -13.38 -1.86 19.84
C THR A 309 -14.83 -2.28 19.65
N GLY A 310 -15.45 -2.77 20.73
CA GLY A 310 -16.83 -3.20 20.65
C GLY A 310 -17.07 -4.57 20.07
N ILE A 311 -16.01 -5.37 19.93
CA ILE A 311 -16.14 -6.71 19.39
C ILE A 311 -16.51 -7.69 20.48
N THR A 312 -17.18 -8.78 20.11
CA THR A 312 -17.59 -9.79 21.07
C THR A 312 -16.40 -10.65 21.50
N ASP A 313 -16.61 -11.45 22.55
CA ASP A 313 -15.56 -12.31 23.06
C ASP A 313 -15.09 -13.31 22.00
N ILE A 314 -16.01 -13.87 21.24
CA ILE A 314 -15.61 -14.82 20.21
C ILE A 314 -14.82 -14.11 19.12
N GLN A 315 -15.21 -12.88 18.81
CA GLN A 315 -14.50 -12.11 17.78
C GLN A 315 -13.09 -11.78 18.26
N LEU A 316 -12.95 -11.51 19.56
CA LEU A 316 -11.65 -11.19 20.12
C LEU A 316 -10.75 -12.42 20.05
N GLU A 317 -11.31 -13.58 20.42
CA GLU A 317 -10.56 -14.82 20.37
C GLU A 317 -10.15 -15.11 18.93
N ASN A 318 -11.09 -14.93 18.00
CA ASN A 318 -10.79 -15.16 16.59
C ASN A 318 -9.67 -14.23 16.15
N SER A 319 -9.78 -12.96 16.52
CA SER A 319 -8.78 -11.95 16.18
C SER A 319 -7.39 -12.31 16.71
N LYS A 320 -7.32 -12.77 17.95
CA LYS A 320 -6.04 -13.15 18.52
C LYS A 320 -5.41 -14.28 17.72
N ASN A 321 -6.21 -15.26 17.31
CA ASN A 321 -5.66 -16.38 16.54
C ASN A 321 -5.21 -15.93 15.16
N VAL A 322 -6.00 -15.10 14.50
CA VAL A 322 -5.64 -14.60 13.18
C VAL A 322 -4.42 -13.69 13.21
N VAL A 323 -4.41 -12.75 14.15
CA VAL A 323 -3.29 -11.81 14.26
C VAL A 323 -1.99 -12.52 14.60
N GLY A 324 -2.08 -13.59 15.40
CA GLY A 324 -0.89 -14.34 15.73
C GLY A 324 -0.31 -14.95 14.48
N GLY A 325 -1.19 -15.45 13.61
CA GLY A 325 -0.74 -16.04 12.37
C GLY A 325 -0.18 -15.00 11.42
N VAL A 327 1.32 -12.22 12.25
CA VAL A 327 2.62 -11.84 12.74
C VAL A 327 3.65 -12.93 12.50
N SER A 328 3.32 -14.15 12.89
CA SER A 328 4.25 -15.26 12.69
C SER A 328 4.57 -15.44 11.21
N GLY A 329 3.54 -15.39 10.37
CA GLY A 329 3.75 -15.55 8.94
C GLY A 329 4.62 -14.46 8.32
N ALA A 330 4.49 -13.24 8.81
CA ALA A 330 5.30 -12.14 8.28
C ALA A 330 6.76 -12.36 8.65
N ARG A 331 6.99 -12.83 9.86
CA ARG A 331 8.35 -13.09 10.32
C ARG A 331 8.96 -14.20 9.50
N GLN A 332 8.18 -15.25 9.27
CA GLN A 332 8.66 -16.38 8.49
C GLN A 332 8.98 -15.94 7.07
N ALA A 333 8.06 -15.19 6.47
CA ALA A 333 8.25 -14.69 5.12
C ALA A 333 9.53 -13.85 5.03
N HIS A 334 9.75 -13.00 6.03
CA HIS A 334 10.94 -12.15 6.06
C HIS A 334 12.17 -13.04 6.15
N GLU A 335 12.11 -14.05 7.02
CA GLU A 335 13.21 -14.99 7.22
C GLU A 335 13.53 -15.73 5.92
N ALA A 336 12.51 -16.04 5.14
CA ALA A 336 12.67 -16.76 3.88
C ALA A 336 13.01 -15.84 2.70
N GLY A 337 13.07 -14.53 2.96
CA GLY A 337 13.40 -13.59 1.91
C GLY A 337 12.33 -13.40 0.83
N LEU A 338 11.06 -13.53 1.20
CA LEU A 338 9.99 -13.36 0.23
C LEU A 338 9.72 -11.88 -0.03
N ILE A 340 7.75 -8.83 0.44
CA ILE A 340 6.81 -8.37 1.45
C ILE A 340 6.59 -6.88 1.32
N GLY A 341 5.33 -6.48 1.19
CA GLY A 341 5.03 -5.07 1.02
C GLY A 341 4.39 -4.42 2.22
N VAL A 342 4.04 -3.15 2.04
CA VAL A 342 3.43 -2.34 3.09
C VAL A 342 2.02 -1.92 2.66
N GLY A 343 1.04 -2.33 3.44
CA GLY A 343 -0.36 -2.00 3.17
C GLY A 343 -0.97 -1.92 4.55
N THR A 344 -2.07 -1.18 4.73
CA THR A 344 -2.64 -1.09 6.06
C THR A 344 -4.14 -1.32 6.21
N ASP A 345 -4.85 -1.36 5.09
CA ASP A 345 -6.30 -1.55 5.09
C ASP A 345 -6.97 -0.28 5.65
N THR A 346 -6.61 0.87 5.10
CA THR A 346 -7.18 2.14 5.57
C THR A 346 -8.71 2.14 5.45
N GLY A 347 -9.35 3.00 6.23
CA GLY A 347 -10.80 3.06 6.18
C GLY A 347 -11.43 2.32 7.35
N THR A 349 -12.08 1.42 11.22
CA THR A 349 -12.22 2.32 12.36
C THR A 349 -10.90 2.69 13.02
N PHE A 350 -10.02 1.71 13.19
CA PHE A 350 -8.73 1.97 13.84
C PHE A 350 -7.51 2.00 12.92
N VAL A 351 -7.73 2.28 11.64
CA VAL A 351 -6.62 2.38 10.69
C VAL A 351 -6.78 3.70 9.95
N PRO A 352 -6.18 4.76 10.48
CA PRO A 352 -6.26 6.09 9.86
C PRO A 352 -5.71 6.11 8.45
N GLN A 353 -6.33 6.94 7.61
CA GLN A 353 -5.90 7.09 6.21
C GLN A 353 -4.48 7.66 6.16
N TYR A 354 -4.10 8.39 7.20
CA TYR A 354 -2.79 9.02 7.26
C TYR A 354 -1.72 8.26 8.03
N ALA A 355 -2.05 7.05 8.50
CA ALA A 355 -1.11 6.29 9.31
C ALA A 355 -0.28 5.21 8.61
N THR A 356 0.00 5.39 7.32
CA THR A 356 0.79 4.38 6.63
C THR A 356 2.13 4.14 7.35
N TRP A 357 2.74 5.21 7.86
CA TRP A 357 4.03 5.11 8.54
C TRP A 357 4.06 4.07 9.66
N ARG A 358 2.93 3.92 10.36
CA ARG A 358 2.85 2.98 11.46
C ARG A 358 3.15 1.55 11.03
N GLU A 359 2.81 1.20 9.80
CA GLU A 359 3.04 -0.16 9.32
C GLU A 359 4.53 -0.51 9.29
N LEU A 360 5.37 0.49 9.01
CA LEU A 360 6.81 0.24 8.97
C LEU A 360 7.30 -0.04 10.38
N GLU A 361 6.79 0.70 11.36
CA GLU A 361 7.20 0.49 12.74
C GLU A 361 6.78 -0.90 13.21
N LEU A 362 5.61 -1.34 12.75
CA LEU A 362 5.10 -2.65 13.12
C LEU A 362 5.89 -3.79 12.48
N LEU A 363 6.37 -3.60 11.24
CA LEU A 363 7.16 -4.64 10.59
C LEU A 363 8.48 -4.81 11.33
N VAL A 364 8.98 -3.71 11.89
CA VAL A 364 10.22 -3.80 12.64
C VAL A 364 9.98 -4.46 13.99
N ALA A 365 8.91 -4.06 14.67
CA ALA A 365 8.61 -4.61 15.98
C ALA A 365 8.09 -6.05 16.00
N TYR A 366 7.37 -6.44 14.95
CA TYR A 366 6.79 -7.78 14.90
C TYR A 366 7.33 -8.76 13.87
N ALA A 367 7.85 -8.26 12.74
CA ALA A 367 8.34 -9.17 11.69
C ALA A 367 9.84 -9.25 11.50
N GLY A 368 10.59 -8.73 12.46
CA GLY A 368 12.05 -8.79 12.37
C GLY A 368 12.69 -7.91 11.32
N PHE A 369 11.98 -6.89 10.84
CA PHE A 369 12.54 -5.98 9.86
C PHE A 369 13.41 -4.94 10.54
N SER A 370 14.39 -4.45 9.79
CA SER A 370 15.24 -3.38 10.28
C SER A 370 14.56 -2.15 9.68
N PRO A 371 14.81 -0.96 10.23
CA PRO A 371 14.18 0.24 9.67
C PRO A 371 14.45 0.37 8.18
N ALA A 372 15.69 0.10 7.78
CA ALA A 372 16.10 0.18 6.39
C ALA A 372 15.24 -0.74 5.52
N GLU A 373 15.06 -1.98 5.97
CA GLU A 373 14.26 -2.94 5.23
C GLU A 373 12.80 -2.52 5.15
N ALA A 374 12.31 -1.88 6.21
CA ALA A 374 10.92 -1.42 6.23
C ALA A 374 10.74 -0.29 5.23
N LEU A 375 11.71 0.63 5.18
CA LEU A 375 11.65 1.74 4.23
C LEU A 375 11.73 1.22 2.81
N HIS A 376 12.51 0.15 2.64
CA HIS A 376 12.69 -0.48 1.33
C HIS A 376 11.39 -1.16 0.88
N ALA A 377 10.69 -1.76 1.84
CA ALA A 377 9.44 -2.45 1.58
C ALA A 377 8.34 -1.46 1.20
N ALA A 378 8.34 -0.31 1.84
CA ALA A 378 7.32 0.71 1.59
C ALA A 378 7.53 1.45 0.27
N THR A 379 8.71 1.35 -0.31
CA THR A 379 9.00 2.06 -1.55
C THR A 379 9.32 1.17 -2.74
N ALA A 380 10.58 0.75 -2.83
CA ALA A 380 11.01 -0.10 -3.94
C ALA A 380 10.24 -1.41 -4.06
N VAL A 381 10.11 -2.15 -2.96
CA VAL A 381 9.41 -3.43 -3.03
C VAL A 381 7.94 -3.24 -3.37
N ASN A 382 7.26 -2.31 -2.70
CA ASN A 382 5.85 -2.03 -2.99
C ASN A 382 5.69 -1.66 -4.47
N ALA A 383 6.62 -0.86 -5.00
CA ALA A 383 6.56 -0.46 -6.40
C ALA A 383 6.61 -1.68 -7.31
N SER A 384 7.53 -2.60 -7.03
CA SER A 384 7.64 -3.81 -7.84
C SER A 384 6.37 -4.65 -7.70
N ILE A 385 5.90 -4.80 -6.48
CA ILE A 385 4.71 -5.59 -6.23
C ILE A 385 3.51 -5.05 -7.00
N LEU A 386 3.35 -3.73 -7.02
CA LEU A 386 2.22 -3.11 -7.71
C LEU A 386 2.45 -2.94 -9.21
N GLY A 387 3.62 -3.36 -9.68
CA GLY A 387 3.93 -3.27 -11.10
C GLY A 387 4.20 -1.87 -11.63
N VAL A 388 4.66 -0.97 -10.77
CA VAL A 388 4.94 0.40 -11.20
C VAL A 388 6.40 0.80 -10.94
N ASP A 389 7.26 -0.18 -10.73
CA ASP A 389 8.66 0.09 -10.46
C ASP A 389 9.41 0.79 -11.59
N ALA A 390 8.88 0.69 -12.80
CA ALA A 390 9.53 1.35 -13.93
C ALA A 390 9.34 2.85 -13.84
N GLU A 391 8.26 3.29 -13.19
CA GLU A 391 7.99 4.71 -13.10
C GLU A 391 8.11 5.35 -11.72
N THR A 392 8.14 4.55 -10.66
CA THR A 392 8.24 5.12 -9.33
C THR A 392 8.86 4.17 -8.31
N GLY A 393 8.99 4.62 -7.07
CA GLY A 393 9.56 3.77 -6.04
C GLY A 393 11.01 4.00 -5.67
N SER A 394 11.69 4.86 -6.43
CA SER A 394 13.08 5.18 -6.15
C SER A 394 13.42 6.52 -6.79
N LEU A 395 14.39 7.20 -6.22
CA LEU A 395 14.80 8.50 -6.73
C LEU A 395 15.90 8.32 -7.76
N GLU A 396 15.49 7.91 -8.95
CA GLU A 396 16.43 7.69 -10.05
C GLU A 396 15.97 8.44 -11.29
N VAL A 397 16.95 8.89 -12.07
CA VAL A 397 16.69 9.64 -13.30
C VAL A 397 15.74 8.89 -14.22
N GLY A 398 14.73 9.60 -14.71
CA GLY A 398 13.76 8.98 -15.60
C GLY A 398 12.45 8.61 -14.93
N LYS A 399 12.51 8.40 -13.62
CA LYS A 399 11.31 8.02 -12.88
C LYS A 399 10.50 9.23 -12.45
N SER A 400 9.24 8.98 -12.12
CA SER A 400 8.32 10.02 -11.68
C SER A 400 8.86 10.72 -10.44
N ALA A 401 8.72 12.04 -10.39
CA ALA A 401 9.22 12.79 -9.24
C ALA A 401 8.27 12.67 -8.05
N ASP A 402 8.23 11.49 -7.44
CA ASP A 402 7.40 11.25 -6.26
C ASP A 402 8.37 11.35 -5.09
N LEU A 403 8.41 12.53 -4.47
CA LEU A 403 9.34 12.79 -3.38
C LEU A 403 8.68 13.07 -2.04
N LEU A 404 9.29 12.55 -0.98
CA LEU A 404 8.78 12.79 0.35
C LEU A 404 9.91 13.47 1.12
N VAL A 405 9.68 14.72 1.51
CA VAL A 405 10.68 15.49 2.24
C VAL A 405 10.35 15.45 3.73
N LEU A 406 11.34 15.05 4.52
CA LEU A 406 11.20 14.90 5.97
C LEU A 406 12.11 15.85 6.76
N ASN A 407 11.74 16.08 8.02
CA ASN A 407 12.50 16.98 8.88
C ASN A 407 13.58 16.23 9.68
N ALA A 408 13.55 14.91 9.62
CA ALA A 408 14.54 14.09 10.33
C ALA A 408 14.76 12.79 9.56
N ASN A 409 15.79 12.05 9.95
CA ASN A 409 16.12 10.79 9.28
C ASN A 409 15.29 9.63 9.81
N PRO A 410 14.43 9.04 8.96
CA PRO A 410 13.59 7.91 9.38
C PRO A 410 14.37 6.64 9.71
N LEU A 411 15.63 6.57 9.29
CA LEU A 411 16.44 5.40 9.59
C LEU A 411 16.80 5.40 11.07
N ASP A 412 16.82 6.59 11.66
CA ASP A 412 17.13 6.73 13.09
C ASP A 412 15.88 6.66 13.94
N ASP A 413 14.75 7.03 13.36
CA ASP A 413 13.46 7.00 14.06
C ASP A 413 12.37 7.05 12.99
N LEU A 414 11.66 5.95 12.81
CA LEU A 414 10.61 5.90 11.80
C LEU A 414 9.48 6.89 12.03
N ARG A 415 9.35 7.42 13.25
CA ARG A 415 8.29 8.38 13.50
C ARG A 415 8.54 9.67 12.74
N ALA A 416 9.74 9.80 12.17
CA ALA A 416 10.09 10.98 11.37
C ALA A 416 9.14 11.03 10.18
N LEU A 417 8.56 9.88 9.84
CA LEU A 417 7.64 9.79 8.71
C LEU A 417 6.28 10.39 9.00
N GLU A 418 5.89 10.42 10.27
CA GLU A 418 4.58 10.91 10.66
C GLU A 418 4.22 12.33 10.20
N HIS A 419 5.17 13.26 10.29
CA HIS A 419 4.89 14.63 9.88
C HIS A 419 5.81 15.09 8.76
N PRO A 420 5.40 14.86 7.50
CA PRO A 420 6.23 15.27 6.36
C PRO A 420 6.44 16.78 6.29
N ALA A 421 7.57 17.18 5.71
CA ALA A 421 7.88 18.59 5.53
C ALA A 421 7.23 19.04 4.23
N LEU A 422 7.26 18.16 3.24
CA LEU A 422 6.67 18.45 1.93
C LEU A 422 6.52 17.17 1.14
N VAL A 423 5.44 17.07 0.38
CA VAL A 423 5.19 15.91 -0.46
C VAL A 423 5.09 16.38 -1.90
N ILE A 424 5.73 15.66 -2.81
CA ILE A 424 5.69 16.03 -4.22
C ILE A 424 5.19 14.79 -4.96
N ALA A 425 4.13 14.96 -5.74
CA ALA A 425 3.55 13.86 -6.48
C ALA A 425 3.74 14.07 -7.97
N ALA A 426 4.48 13.18 -8.61
CA ALA A 426 4.74 13.30 -10.04
C ALA A 426 5.16 14.72 -10.41
N GLY A 427 6.04 15.30 -9.60
CA GLY A 427 6.52 16.65 -9.89
C GLY A 427 5.62 17.78 -9.37
N HIS A 428 4.46 17.42 -8.83
CA HIS A 428 3.52 18.40 -8.32
C HIS A 428 3.64 18.57 -6.81
N PRO A 429 4.22 19.68 -6.35
CA PRO A 429 4.33 19.86 -4.90
C PRO A 429 2.92 20.00 -4.31
N VAL A 430 2.71 19.43 -3.13
CA VAL A 430 1.41 19.53 -2.48
C VAL A 430 1.48 20.69 -1.50
N TRP A 431 0.91 21.83 -1.89
CA TRP A 431 0.96 23.02 -1.03
C TRP A 431 -0.14 22.99 0.05
N ARG A 432 -0.01 22.05 0.97
CA ARG A 432 -0.95 21.91 2.08
C ARG A 432 -0.11 21.51 3.30
N PRO A 433 -0.54 21.90 4.52
CA PRO A 433 0.19 21.59 5.75
C PRO A 433 0.43 20.13 6.12
N GLY A 434 -0.55 19.29 5.82
CA GLY A 434 -0.41 17.89 6.16
C GLY A 434 -1.81 17.38 6.42
N PRO A 435 -1.98 16.10 6.77
CA PRO A 435 -3.32 15.59 7.02
C PRO A 435 -3.96 16.06 8.33
N LYS A 436 -5.29 16.10 8.35
CA LYS A 436 -5.99 16.48 9.55
C LYS A 436 -5.99 15.20 10.39
N ARG A 437 -5.46 15.28 11.60
CA ARG A 437 -5.39 14.10 12.45
C ARG A 437 -6.48 14.07 13.51
N PHE A 438 -6.74 12.88 14.04
CA PHE A 438 -7.75 12.71 15.07
C PHE A 438 -7.03 12.35 16.37
N ALA A 439 -6.82 13.36 17.20
CA ALA A 439 -6.11 13.20 18.47
C ALA A 439 -6.56 12.01 19.31
N ASP A 440 -7.88 11.82 19.44
CA ASP A 440 -8.41 10.73 20.24
C ASP A 440 -7.97 9.36 19.73
N ILE A 441 -8.14 9.13 18.43
CA ILE A 441 -7.74 7.86 17.83
C ILE A 441 -6.22 7.70 17.86
N ASP A 442 -5.50 8.76 17.52
CA ASP A 442 -4.05 8.71 17.53
C ASP A 442 -3.52 8.41 18.93
N ALA A 443 -4.15 9.00 19.94
CA ALA A 443 -3.74 8.77 21.32
C ALA A 443 -3.91 7.31 21.73
N LEU A 444 -5.06 6.75 21.36
CA LEU A 444 -5.37 5.36 21.66
C LEU A 444 -4.38 4.41 20.99
N LEU A 445 -4.07 4.68 19.73
CA LEU A 445 -3.13 3.83 19.01
C LEU A 445 -1.72 3.96 19.55
N ASP A 446 -1.32 5.19 19.87
CA ASP A 446 0.02 5.41 20.42
C ASP A 446 0.22 4.60 21.69
N GLU A 447 -0.77 4.64 22.57
CA GLU A 447 -0.71 3.90 23.83
C GLU A 447 -0.73 2.40 23.54
N ALA A 448 -1.63 1.98 22.67
CA ALA A 448 -1.77 0.57 22.30
C ALA A 448 -0.47 -0.03 21.75
N TYR A 449 0.18 0.69 20.86
CA TYR A 449 1.43 0.22 20.25
C TYR A 449 2.65 0.47 21.11
N ALA A 450 2.47 1.20 22.20
CA ALA A 450 3.58 1.48 23.11
C ALA A 450 3.97 0.20 23.84
#